data_4X9U
#
_entry.id   4X9U
#
_cell.length_a   52.392
_cell.length_b   60.417
_cell.length_c   55.601
_cell.angle_alpha   90.00
_cell.angle_beta   95.85
_cell.angle_gamma   90.00
#
_symmetry.space_group_name_H-M   'P 1 21 1'
#
loop_
_entity.id
_entity.type
_entity.pdbx_description
1 polymer Kiwellin
2 water water
#
_entity_poly.entity_id   1
_entity_poly.type   'polypeptide(L)'
_entity_poly.pdbx_seq_one_letter_code
;ISSCNGPCRDLNDCDGQLICIKGKCNDDPQVGTHICRGTT(PXU)S(PXU)QPGGCKPSGTLTCRGKSHPTYDCSPPVTS
STPAKLTNNDFSEGGDDGGPSECDESYHNNNERIVALSTGWYNGGSRCGKMIRITASNGKSVSAKVVDECDSRHGCDKEH
AGQPPCRNNIVDGSNAVWSALGLDKNVGVVDITWSMA
;
_entity_poly.pdbx_strand_id   A,B
#
# COMPACT_ATOMS: atom_id res chain seq x y z
N SER A 2 30.80 19.45 29.97
CA SER A 2 30.96 19.42 28.49
C SER A 2 31.96 20.47 28.02
N SER A 3 32.91 20.04 27.21
CA SER A 3 33.76 20.97 26.48
C SER A 3 33.29 21.04 25.02
N CYS A 4 34.23 20.86 24.11
CA CYS A 4 34.12 21.42 22.76
C CYS A 4 33.09 20.70 21.87
N ASN A 5 33.36 19.46 21.47
CA ASN A 5 32.33 18.58 20.90
C ASN A 5 31.55 17.93 22.04
N GLY A 6 30.85 18.77 22.80
CA GLY A 6 30.14 18.34 24.02
C GLY A 6 28.94 19.25 24.28
N PRO A 7 27.86 18.69 24.90
CA PRO A 7 26.55 19.35 24.92
C PRO A 7 26.13 20.11 26.20
N CYS A 8 25.74 21.37 26.02
CA CYS A 8 25.11 22.15 27.08
C CYS A 8 23.63 21.82 27.13
N ARG A 9 23.01 22.08 28.28
CA ARG A 9 21.54 21.98 28.44
C ARG A 9 20.88 23.09 27.61
N ASP A 10 19.66 23.49 27.98
CA ASP A 10 19.00 24.64 27.34
C ASP A 10 19.96 25.85 27.26
N LEU A 11 20.51 26.26 28.41
CA LEU A 11 21.48 27.36 28.50
C LEU A 11 22.92 26.83 28.71
N ASN A 12 23.88 27.75 28.85
CA ASN A 12 25.32 27.40 28.87
C ASN A 12 25.88 26.91 30.21
N ASP A 13 25.16 25.99 30.86
CA ASP A 13 25.66 25.32 32.04
C ASP A 13 26.72 24.32 31.58
N CYS A 14 27.95 24.82 31.36
CA CYS A 14 29.11 23.98 30.96
C CYS A 14 30.50 24.59 31.29
N ASP A 15 31.58 23.99 30.80
CA ASP A 15 32.96 24.25 31.29
C ASP A 15 33.58 25.59 30.88
N GLY A 16 34.54 26.03 31.70
CA GLY A 16 35.23 27.33 31.52
C GLY A 16 34.34 28.57 31.41
N GLN A 17 34.73 29.50 30.53
CA GLN A 17 33.94 30.68 30.13
C GLN A 17 33.18 30.38 28.80
N LEU A 18 32.77 29.12 28.61
CA LEU A 18 32.21 28.60 27.35
C LEU A 18 30.70 28.73 27.31
N ILE A 19 30.20 29.29 26.20
CA ILE A 19 28.74 29.49 25.97
C ILE A 19 28.15 28.38 25.10
N CYS A 20 26.83 28.41 24.92
CA CYS A 20 26.09 27.42 24.10
C CYS A 20 25.78 27.93 22.68
N ILE A 21 26.35 27.29 21.66
CA ILE A 21 25.95 27.46 20.25
C ILE A 21 25.31 26.13 19.82
N LYS A 22 24.05 26.18 19.36
CA LYS A 22 23.21 24.97 19.14
C LYS A 22 22.94 24.24 20.47
N GLY A 23 23.30 22.96 20.56
CA GLY A 23 23.26 22.22 21.82
C GLY A 23 24.66 21.82 22.26
N LYS A 24 25.66 22.56 21.78
CA LYS A 24 27.10 22.24 21.96
C LYS A 24 27.87 23.44 22.54
N CYS A 25 28.93 23.18 23.30
CA CYS A 25 29.69 24.27 23.95
C CYS A 25 30.82 24.88 23.09
N ASN A 26 30.42 25.61 22.07
CA ASN A 26 31.34 26.41 21.25
C ASN A 26 31.84 27.62 22.06
N ASP A 27 32.79 28.34 21.50
CA ASP A 27 33.40 29.48 22.20
C ASP A 27 32.55 30.75 22.20
N ASP A 28 32.84 31.60 23.18
CA ASP A 28 32.28 32.93 23.25
C ASP A 28 33.12 33.89 22.37
N PRO A 29 32.49 34.54 21.35
CA PRO A 29 33.24 35.46 20.47
C PRO A 29 33.95 36.68 21.13
N GLN A 30 33.29 37.32 22.12
CA GLN A 30 33.79 38.55 22.78
C GLN A 30 34.88 38.25 23.80
N VAL A 31 34.91 36.99 24.23
CA VAL A 31 35.96 36.47 25.11
C VAL A 31 37.29 36.46 24.32
N GLY A 32 37.23 36.07 23.04
CA GLY A 32 38.42 36.03 22.17
C GLY A 32 39.23 34.72 22.22
N THR A 33 38.76 33.74 22.99
CA THR A 33 39.44 32.42 23.14
C THR A 33 38.97 31.39 22.10
N HIS A 34 39.96 30.72 21.51
CA HIS A 34 39.75 29.84 20.38
C HIS A 34 40.04 28.42 20.84
N ILE A 35 39.39 28.06 21.94
CA ILE A 35 39.58 26.77 22.62
C ILE A 35 38.98 25.59 21.85
N CYS A 36 37.84 25.80 21.20
CA CYS A 36 37.09 24.71 20.57
C CYS A 36 37.11 24.79 19.03
N ARG A 37 38.12 25.52 18.55
CA ARG A 37 38.38 25.76 17.14
C ARG A 37 38.71 24.45 16.41
N GLY A 38 38.04 24.20 15.30
CA GLY A 38 38.24 23.01 14.48
C GLY A 38 37.23 21.92 14.78
N THR A 39 36.65 21.93 15.98
CA THR A 39 35.63 20.93 16.34
C THR A 39 34.26 21.28 15.71
N THR A 40 33.46 20.25 15.42
CA THR A 40 32.15 20.41 14.75
C THR A 40 31.05 19.51 15.35
N PXU A 41 29.76 19.89 15.20
CA PXU A 41 28.67 18.97 15.52
CB PXU A 41 27.69 19.86 16.29
CG PXU A 41 27.92 21.25 15.78
CD PXU A 41 29.25 21.27 15.06
C PXU A 41 28.01 18.36 14.25
O PXU A 41 27.06 18.92 13.71
N GLY A 47 15.81 18.18 14.23
CA GLY A 47 15.47 19.08 13.14
C GLY A 47 15.91 18.58 11.77
N CYS A 48 15.02 17.88 11.10
CA CYS A 48 15.14 17.72 9.65
C CYS A 48 14.75 19.06 8.98
N LYS A 49 15.66 19.62 8.19
CA LYS A 49 15.47 20.94 7.54
C LYS A 49 15.85 20.86 6.05
N PRO A 50 15.27 21.73 5.20
CA PRO A 50 15.55 21.78 3.75
C PRO A 50 17.03 22.01 3.52
N SER A 51 17.57 21.38 2.49
CA SER A 51 18.99 21.49 2.11
C SER A 51 19.18 22.72 1.19
N GLY A 52 18.07 23.24 0.64
CA GLY A 52 18.13 24.31 -0.31
C GLY A 52 16.85 24.32 -1.10
N THR A 53 16.95 24.81 -2.34
CA THR A 53 15.84 24.94 -3.30
C THR A 53 16.25 24.56 -4.71
N LEU A 54 15.25 24.24 -5.51
CA LEU A 54 15.34 24.13 -6.92
C LEU A 54 14.19 24.93 -7.49
N THR A 55 14.41 25.61 -8.61
CA THR A 55 13.35 26.38 -9.24
C THR A 55 12.86 25.69 -10.46
N CYS A 56 11.55 25.64 -10.62
CA CYS A 56 10.96 25.37 -11.94
C CYS A 56 9.60 25.97 -11.99
N ARG A 57 9.16 26.19 -13.23
CA ARG A 57 8.03 27.05 -13.52
C ARG A 57 8.54 28.41 -13.00
N GLY A 58 7.74 29.05 -12.17
CA GLY A 58 8.22 30.17 -11.38
C GLY A 58 8.76 29.70 -10.03
N LYS A 59 8.17 28.64 -9.50
CA LYS A 59 8.30 28.38 -8.08
C LYS A 59 9.69 27.88 -7.67
N SER A 60 10.13 28.36 -6.52
CA SER A 60 11.14 27.71 -5.67
C SER A 60 10.47 26.59 -4.89
N HIS A 61 11.11 25.43 -4.93
CA HIS A 61 10.64 24.27 -4.25
C HIS A 61 11.76 23.90 -3.32
N PRO A 62 11.44 23.53 -2.06
CA PRO A 62 12.50 23.07 -1.16
C PRO A 62 13.08 21.71 -1.59
N THR A 63 14.35 21.49 -1.27
CA THR A 63 14.99 20.22 -1.48
C THR A 63 15.34 19.70 -0.09
N TYR A 64 15.48 18.38 0.03
CA TYR A 64 15.81 17.70 1.29
C TYR A 64 16.65 16.46 1.05
N ASP A 65 17.54 16.25 1.99
CA ASP A 65 18.33 15.03 2.14
C ASP A 65 17.67 14.11 3.18
N CYS A 66 16.83 14.68 4.02
CA CYS A 66 16.34 13.95 5.18
C CYS A 66 14.81 13.94 5.20
N SER A 67 14.27 13.09 6.06
CA SER A 67 12.83 13.04 6.27
C SER A 67 12.59 13.01 7.80
N PRO A 68 11.35 13.30 8.26
CA PRO A 68 11.06 13.08 9.68
C PRO A 68 11.38 11.66 10.18
N PRO A 69 11.48 11.47 11.51
CA PRO A 69 11.80 10.17 12.12
C PRO A 69 10.74 9.09 11.84
N VAL A 70 11.22 7.89 11.53
CA VAL A 70 10.31 6.81 11.27
C VAL A 70 9.93 6.24 12.64
N THR A 71 8.64 6.08 12.87
CA THR A 71 8.18 5.54 14.16
C THR A 71 7.17 4.44 13.90
N SER A 72 6.65 3.88 14.99
CA SER A 72 5.56 2.91 14.92
C SER A 72 4.33 3.57 14.31
N SER A 73 4.26 4.88 14.28
CA SER A 73 3.15 5.54 13.58
C SER A 73 3.55 6.89 12.95
N THR A 74 4.11 6.79 11.75
CA THR A 74 4.74 7.91 11.09
C THR A 74 3.77 8.73 10.25
N PRO A 75 3.60 10.02 10.58
CA PRO A 75 2.72 10.82 9.77
C PRO A 75 3.31 11.06 8.37
N ALA A 76 2.48 11.10 7.36
CA ALA A 76 2.93 11.27 6.01
C ALA A 76 1.83 11.81 5.15
N LYS A 77 2.20 12.23 3.95
CA LYS A 77 1.26 12.53 2.88
C LYS A 77 1.35 11.45 1.82
N LEU A 78 0.16 10.99 1.42
CA LEU A 78 0.03 10.02 0.38
C LEU A 78 -0.25 10.74 -0.90
N THR A 79 0.57 10.47 -1.90
CA THR A 79 0.31 10.89 -3.23
C THR A 79 0.17 9.68 -4.13
N ASN A 80 -0.12 9.92 -5.42
CA ASN A 80 -0.30 8.85 -6.39
C ASN A 80 0.78 8.82 -7.45
N ASN A 81 1.33 7.65 -7.72
CA ASN A 81 2.36 7.53 -8.76
C ASN A 81 2.09 6.33 -9.70
N ASP A 82 2.47 6.52 -10.97
CA ASP A 82 2.48 5.52 -12.02
C ASP A 82 3.87 4.87 -12.09
N PHE A 83 3.91 3.60 -11.70
CA PHE A 83 5.11 2.77 -11.69
C PHE A 83 5.35 1.93 -12.96
N SER A 84 4.41 2.03 -13.87
CA SER A 84 4.37 1.18 -15.06
C SER A 84 5.26 1.76 -16.14
N GLU A 85 5.57 0.90 -17.09
CA GLU A 85 6.43 1.25 -18.19
C GLU A 85 5.79 2.32 -19.06
N GLY A 86 4.46 2.46 -19.00
CA GLY A 86 3.75 3.49 -19.75
C GLY A 86 4.03 4.93 -19.33
N GLY A 87 4.51 5.08 -18.09
CA GLY A 87 4.18 6.18 -17.22
C GLY A 87 4.99 7.46 -17.13
N ASP A 88 4.64 8.19 -16.08
CA ASP A 88 5.19 9.49 -15.70
C ASP A 88 6.66 9.43 -15.24
N ASP A 89 7.00 8.42 -14.43
CA ASP A 89 8.34 8.34 -13.80
C ASP A 89 9.44 8.38 -14.87
N GLY A 90 10.60 8.88 -14.48
CA GLY A 90 11.83 8.69 -15.25
C GLY A 90 12.40 7.28 -15.06
N GLY A 91 11.86 6.31 -15.78
CA GLY A 91 12.49 5.01 -15.77
C GLY A 91 12.12 4.10 -14.61
N PRO A 92 12.73 2.91 -14.56
CA PRO A 92 12.43 1.82 -13.67
C PRO A 92 12.59 2.22 -12.19
N SER A 93 11.86 1.53 -11.35
CA SER A 93 11.96 1.76 -9.89
C SER A 93 13.38 1.44 -9.35
N GLU A 94 13.84 2.25 -8.41
CA GLU A 94 15.23 2.17 -7.88
C GLU A 94 15.54 0.83 -7.24
N CYS A 95 14.60 0.24 -6.50
CA CYS A 95 14.93 -0.91 -5.67
C CYS A 95 15.34 -2.11 -6.49
N ASP A 96 14.64 -2.33 -7.59
CA ASP A 96 14.82 -3.58 -8.35
C ASP A 96 15.02 -3.36 -9.85
N GLU A 97 15.29 -2.12 -10.24
CA GLU A 97 15.49 -1.79 -11.66
C GLU A 97 14.39 -2.44 -12.53
N SER A 98 13.14 -2.33 -12.08
CA SER A 98 12.10 -2.73 -12.97
C SER A 98 10.86 -1.87 -12.86
N TYR A 99 10.02 -2.01 -13.87
CA TYR A 99 8.71 -1.40 -13.84
C TYR A 99 7.73 -2.32 -13.14
N HIS A 100 6.65 -1.74 -12.70
CA HIS A 100 5.61 -2.45 -12.02
C HIS A 100 4.26 -2.02 -12.54
N ASN A 101 3.33 -2.91 -12.35
CA ASN A 101 1.93 -2.68 -12.56
C ASN A 101 1.30 -1.84 -11.43
N ASN A 102 0.42 -0.93 -11.79
CA ASN A 102 -0.27 -0.16 -10.78
C ASN A 102 -1.41 -0.84 -10.03
N ASN A 103 -1.77 -2.08 -10.42
CA ASN A 103 -2.47 -3.02 -9.53
C ASN A 103 -1.64 -3.66 -8.44
N GLU A 104 -0.34 -3.50 -8.47
CA GLU A 104 0.45 -3.96 -7.35
C GLU A 104 0.36 -2.89 -6.28
N ARG A 105 0.28 -3.33 -5.01
CA ARG A 105 0.36 -2.56 -3.81
C ARG A 105 1.84 -2.28 -3.51
N ILE A 106 2.25 -1.12 -4.03
CA ILE A 106 3.64 -0.66 -4.04
C ILE A 106 3.73 0.82 -3.78
N VAL A 107 4.84 1.22 -3.15
CA VAL A 107 5.07 2.64 -2.89
C VAL A 107 6.52 3.06 -3.18
N ALA A 108 6.66 4.35 -3.39
CA ALA A 108 7.92 5.05 -3.29
C ALA A 108 7.95 5.88 -2.00
N LEU A 109 9.15 6.11 -1.42
CA LEU A 109 9.30 6.91 -0.17
C LEU A 109 10.24 8.10 -0.40
N SER A 110 9.96 9.24 0.23
CA SER A 110 10.84 10.42 0.14
C SER A 110 12.21 9.93 0.48
N THR A 111 13.20 10.54 -0.17
CA THR A 111 14.63 10.29 -0.03
C THR A 111 15.09 9.89 1.36
N GLY A 112 14.73 10.68 2.37
CA GLY A 112 15.18 10.35 3.73
C GLY A 112 14.68 9.00 4.26
N TRP A 113 13.39 8.74 4.10
CA TRP A 113 12.80 7.44 4.41
C TRP A 113 13.31 6.34 3.50
N TYR A 114 13.49 6.65 2.23
CA TYR A 114 14.10 5.67 1.33
C TYR A 114 15.46 5.21 1.91
N ASN A 115 16.20 6.14 2.50
CA ASN A 115 17.42 5.80 3.29
C ASN A 115 18.40 4.91 2.49
N GLY A 116 18.74 5.38 1.28
CA GLY A 116 19.71 4.69 0.46
C GLY A 116 19.43 3.26 0.10
N GLY A 117 18.17 2.86 0.19
CA GLY A 117 17.70 1.57 -0.24
C GLY A 117 17.40 0.63 0.90
N SER A 118 17.53 1.10 2.15
CA SER A 118 17.44 0.17 3.30
C SER A 118 16.07 -0.47 3.50
N ARG A 119 15.05 0.14 2.94
CA ARG A 119 13.70 -0.42 3.05
C ARG A 119 13.20 -1.08 1.75
N CYS A 120 14.05 -1.17 0.74
CA CYS A 120 13.63 -1.88 -0.47
C CYS A 120 13.16 -3.28 -0.21
N GLY A 121 12.04 -3.62 -0.85
CA GLY A 121 11.45 -4.94 -0.79
C GLY A 121 10.69 -5.22 0.50
N LYS A 122 10.69 -4.27 1.43
CA LYS A 122 9.96 -4.40 2.67
C LYS A 122 8.55 -3.93 2.50
N MET A 123 7.68 -4.47 3.37
CA MET A 123 6.31 -4.07 3.47
C MET A 123 6.16 -3.00 4.52
N ILE A 124 5.33 -2.03 4.19
CA ILE A 124 4.84 -1.08 5.15
C ILE A 124 3.37 -1.21 5.23
N ARG A 125 2.81 -0.70 6.35
CA ARG A 125 1.42 -0.68 6.64
C ARG A 125 0.99 0.77 6.70
N ILE A 126 0.08 1.12 5.84
CA ILE A 126 -0.42 2.48 5.77
C ILE A 126 -1.82 2.48 6.34
N THR A 127 -2.14 3.48 7.15
CA THR A 127 -3.49 3.70 7.67
C THR A 127 -4.10 5.04 7.20
N ALA A 128 -5.32 5.01 6.65
CA ALA A 128 -6.01 6.22 6.24
C ALA A 128 -6.91 6.78 7.37
N SER A 129 -7.48 7.95 7.14
CA SER A 129 -8.33 8.60 8.13
C SER A 129 -9.71 7.89 8.34
N ASN A 130 -10.18 7.18 7.32
CA ASN A 130 -11.38 6.33 7.43
C ASN A 130 -11.13 5.05 8.16
N GLY A 131 -9.91 4.87 8.67
CA GLY A 131 -9.54 3.64 9.40
C GLY A 131 -9.15 2.43 8.54
N LYS A 132 -9.22 2.54 7.22
CA LYS A 132 -8.71 1.47 6.35
C LYS A 132 -7.18 1.41 6.43
N SER A 133 -6.63 0.22 6.25
CA SER A 133 -5.20 0.05 6.16
C SER A 133 -4.85 -0.89 5.03
N VAL A 134 -3.65 -0.73 4.53
CA VAL A 134 -3.16 -1.53 3.40
C VAL A 134 -1.68 -1.75 3.64
N SER A 135 -1.26 -2.91 3.26
CA SER A 135 0.09 -3.26 3.25
C SER A 135 0.67 -3.06 1.80
N ALA A 136 1.85 -2.44 1.70
CA ALA A 136 2.45 -2.13 0.40
C ALA A 136 3.95 -2.31 0.45
N LYS A 137 4.52 -2.75 -0.63
CA LYS A 137 5.97 -2.97 -0.77
C LYS A 137 6.72 -1.76 -1.23
N VAL A 138 7.82 -1.48 -0.56
CA VAL A 138 8.68 -0.36 -0.98
C VAL A 138 9.49 -0.74 -2.24
N VAL A 139 9.30 0.01 -3.32
CA VAL A 139 10.01 -0.32 -4.59
C VAL A 139 10.80 0.82 -5.17
N ASP A 140 10.66 2.03 -4.63
CA ASP A 140 11.25 3.22 -5.28
C ASP A 140 11.47 4.36 -4.34
N GLU A 141 12.27 5.33 -4.80
CA GLU A 141 12.55 6.58 -4.10
C GLU A 141 11.75 7.69 -4.72
N CYS A 142 11.15 8.51 -3.90
CA CYS A 142 10.56 9.79 -4.29
C CYS A 142 11.66 10.79 -3.96
N ASP A 143 12.32 11.28 -5.02
CA ASP A 143 13.58 12.00 -4.88
C ASP A 143 13.31 13.43 -4.45
N SER A 144 13.73 13.80 -3.24
CA SER A 144 13.54 15.17 -2.77
C SER A 144 14.83 16.06 -2.95
N ARG A 145 15.86 15.52 -3.62
CA ARG A 145 17.12 16.25 -3.88
CA ARG A 145 17.13 16.24 -3.87
C ARG A 145 17.16 16.82 -5.28
N HIS A 146 16.49 16.17 -6.20
CA HIS A 146 16.61 16.49 -7.59
C HIS A 146 15.20 16.65 -8.20
N GLY A 147 15.17 17.36 -9.31
CA GLY A 147 13.97 17.61 -10.09
C GLY A 147 14.11 18.87 -10.94
N CYS A 148 12.98 19.27 -11.49
CA CYS A 148 12.83 20.52 -12.25
C CYS A 148 13.63 20.59 -13.57
N ASP A 149 14.06 19.45 -14.09
CA ASP A 149 14.93 19.38 -15.30
C ASP A 149 14.41 18.43 -16.40
N LYS A 150 15.11 18.43 -17.55
CA LYS A 150 14.87 17.49 -18.69
C LYS A 150 14.65 16.06 -18.20
N GLU A 151 15.64 15.56 -17.46
CA GLU A 151 15.70 14.16 -16.98
C GLU A 151 14.56 13.69 -16.05
N HIS A 152 13.96 14.64 -15.32
CA HIS A 152 12.82 14.38 -14.41
C HIS A 152 11.49 14.88 -15.00
N ALA A 153 11.50 15.27 -16.28
CA ALA A 153 10.30 15.81 -16.96
C ALA A 153 9.82 17.20 -16.46
N GLY A 154 10.72 17.99 -15.89
CA GLY A 154 10.35 19.29 -15.31
C GLY A 154 9.44 19.29 -14.08
N GLN A 155 9.30 18.12 -13.44
CA GLN A 155 8.50 17.99 -12.17
C GLN A 155 9.34 18.40 -10.94
N PRO A 156 8.74 19.09 -9.95
CA PRO A 156 9.48 19.50 -8.75
C PRO A 156 10.03 18.35 -7.95
N PRO A 157 11.03 18.64 -7.12
CA PRO A 157 11.51 17.55 -6.34
C PRO A 157 10.37 17.13 -5.40
N CYS A 158 10.39 15.87 -4.99
CA CYS A 158 9.44 15.36 -3.97
CA CYS A 158 9.44 15.37 -3.99
C CYS A 158 9.59 16.12 -2.65
N ARG A 159 8.50 16.25 -1.92
CA ARG A 159 8.54 16.65 -0.50
C ARG A 159 9.22 15.57 0.31
N ASN A 160 9.45 15.88 1.58
CA ASN A 160 10.28 15.03 2.45
C ASN A 160 9.55 13.98 3.28
N ASN A 161 8.23 14.05 3.25
CA ASN A 161 7.35 13.21 4.09
C ASN A 161 6.31 12.47 3.26
N ILE A 162 6.72 11.96 2.09
CA ILE A 162 5.81 11.43 1.10
C ILE A 162 5.95 9.91 1.03
N VAL A 163 4.78 9.27 1.03
CA VAL A 163 4.57 7.88 0.56
C VAL A 163 3.83 8.06 -0.76
N ASP A 164 4.47 7.63 -1.84
CA ASP A 164 3.90 7.83 -3.19
C ASP A 164 3.36 6.47 -3.64
N GLY A 165 2.05 6.32 -3.57
CA GLY A 165 1.38 5.05 -3.75
C GLY A 165 0.75 4.77 -5.07
N SER A 166 0.77 3.49 -5.47
CA SER A 166 0.08 3.07 -6.66
C SER A 166 -1.44 3.24 -6.56
N ASN A 167 -2.09 3.16 -7.70
CA ASN A 167 -3.56 3.07 -7.78
C ASN A 167 -4.14 2.06 -6.83
N ALA A 168 -3.53 0.88 -6.77
CA ALA A 168 -4.00 -0.16 -5.91
C ALA A 168 -3.95 0.18 -4.41
N VAL A 169 -2.94 0.96 -4.00
CA VAL A 169 -2.87 1.44 -2.63
C VAL A 169 -4.04 2.39 -2.28
N TRP A 170 -4.33 3.33 -3.15
CA TRP A 170 -5.44 4.30 -2.99
C TRP A 170 -6.77 3.58 -2.92
N SER A 171 -6.96 2.62 -3.84
CA SER A 171 -8.18 1.78 -3.82
C SER A 171 -8.35 0.93 -2.61
N ALA A 172 -7.31 0.25 -2.21
CA ALA A 172 -7.39 -0.54 -0.98
C ALA A 172 -7.80 0.30 0.26
N LEU A 173 -7.49 1.59 0.20
CA LEU A 173 -7.75 2.50 1.30
C LEU A 173 -9.10 3.22 1.15
N GLY A 174 -9.80 2.96 0.06
CA GLY A 174 -11.09 3.58 -0.16
C GLY A 174 -10.96 5.05 -0.51
N LEU A 175 -9.84 5.43 -1.09
CA LEU A 175 -9.57 6.83 -1.32
C LEU A 175 -9.61 7.16 -2.77
N ASP A 176 -10.06 8.37 -3.04
CA ASP A 176 -10.08 8.93 -4.41
C ASP A 176 -8.78 9.62 -4.73
N LYS A 177 -8.06 9.10 -5.73
CA LYS A 177 -6.73 9.64 -6.10
C LYS A 177 -6.81 11.02 -6.73
N ASN A 178 -8.01 11.42 -7.15
CA ASN A 178 -8.20 12.75 -7.74
C ASN A 178 -8.16 13.93 -6.74
N VAL A 179 -8.30 13.66 -5.44
CA VAL A 179 -7.99 14.67 -4.40
C VAL A 179 -6.48 14.94 -4.33
N GLY A 180 -5.68 14.04 -4.91
CA GLY A 180 -4.24 14.27 -5.16
C GLY A 180 -3.33 13.92 -3.98
N VAL A 181 -3.72 14.34 -2.78
CA VAL A 181 -2.92 14.20 -1.58
C VAL A 181 -3.78 14.16 -0.32
N VAL A 182 -3.47 13.18 0.54
CA VAL A 182 -4.19 12.96 1.75
C VAL A 182 -3.21 12.63 2.84
N ASP A 183 -3.66 12.84 4.07
CA ASP A 183 -2.88 12.50 5.23
C ASP A 183 -3.05 11.06 5.62
N ILE A 184 -1.97 10.46 6.04
CA ILE A 184 -1.94 9.07 6.51
C ILE A 184 -0.91 8.93 7.56
N THR A 185 -0.85 7.76 8.18
CA THR A 185 0.33 7.36 8.91
C THR A 185 0.80 6.03 8.45
N TRP A 186 2.06 5.73 8.71
CA TRP A 186 2.58 4.44 8.34
C TRP A 186 3.61 3.87 9.31
N SER A 187 3.89 2.56 9.15
CA SER A 187 4.97 1.92 9.88
C SER A 187 5.44 0.78 9.08
N MET A 188 6.61 0.28 9.39
CA MET A 188 7.03 -1.02 8.88
C MET A 188 6.00 -2.11 9.26
N ALA A 189 5.85 -3.10 8.37
CA ALA A 189 4.89 -4.18 8.63
C ALA A 189 5.63 -5.52 8.64
N GLY B 47 4.85 -19.36 -11.57
CA GLY B 47 4.04 -18.17 -11.14
C GLY B 47 3.39 -18.42 -9.79
N CYS B 48 2.08 -18.54 -9.77
CA CYS B 48 1.35 -18.73 -8.51
C CYS B 48 1.34 -20.21 -8.00
N LYS B 49 1.88 -20.41 -6.81
CA LYS B 49 1.99 -21.74 -6.17
C LYS B 49 1.37 -21.70 -4.75
N PRO B 50 0.90 -22.85 -4.25
CA PRO B 50 0.41 -23.02 -2.89
C PRO B 50 1.44 -22.54 -1.88
N SER B 51 1.00 -21.89 -0.81
CA SER B 51 1.89 -21.43 0.26
C SER B 51 2.13 -22.57 1.27
N GLY B 52 1.29 -23.58 1.23
CA GLY B 52 1.34 -24.66 2.20
C GLY B 52 0.02 -25.39 2.13
N THR B 53 -0.35 -26.02 3.26
CA THR B 53 -1.57 -26.79 3.43
C THR B 53 -2.23 -26.53 4.75
N LEU B 54 -3.51 -26.83 4.80
CA LEU B 54 -4.26 -26.93 6.03
C LEU B 54 -4.99 -28.22 5.94
N THR B 55 -5.11 -28.94 7.05
CA THR B 55 -5.85 -30.20 7.05
C THR B 55 -7.22 -30.00 7.63
N CYS B 56 -8.23 -30.56 6.94
CA CYS B 56 -9.64 -30.54 7.33
C CYS B 56 -10.16 -31.92 7.44
N ARG B 57 -10.55 -32.36 8.64
CA ARG B 57 -11.12 -33.69 8.79
C ARG B 57 -10.20 -34.67 8.00
N GLY B 58 -8.90 -34.69 8.33
CA GLY B 58 -7.91 -35.53 7.60
C GLY B 58 -7.33 -35.11 6.23
N LYS B 59 -8.15 -34.50 5.36
CA LYS B 59 -7.72 -34.05 4.01
C LYS B 59 -6.86 -32.78 4.07
N SER B 60 -5.70 -32.82 3.40
CA SER B 60 -4.88 -31.63 3.10
C SER B 60 -5.55 -30.80 1.98
N HIS B 61 -5.66 -29.50 2.25
CA HIS B 61 -6.13 -28.53 1.28
C HIS B 61 -4.99 -27.57 1.11
N PRO B 62 -4.73 -27.22 -0.14
CA PRO B 62 -3.71 -26.19 -0.34
C PRO B 62 -4.17 -24.84 0.21
N THR B 63 -3.19 -24.03 0.62
CA THR B 63 -3.44 -22.67 0.99
C THR B 63 -2.70 -21.83 -0.04
N TYR B 64 -3.14 -20.57 -0.19
CA TYR B 64 -2.55 -19.64 -1.18
C TYR B 64 -2.59 -18.20 -0.65
N ASP B 65 -1.54 -17.48 -1.00
CA ASP B 65 -1.42 -16.04 -0.85
C ASP B 65 -1.74 -15.37 -2.16
N CYS B 66 -1.66 -16.11 -3.24
CA CYS B 66 -1.71 -15.53 -4.57
C CYS B 66 -2.83 -16.18 -5.39
N SER B 67 -3.12 -15.54 -6.50
CA SER B 67 -4.09 -16.07 -7.45
C SER B 67 -3.47 -15.98 -8.88
N PRO B 68 -4.05 -16.67 -9.88
CA PRO B 68 -3.61 -16.40 -11.24
C PRO B 68 -3.72 -14.94 -11.68
N PRO B 69 -2.99 -14.57 -12.74
CA PRO B 69 -2.98 -13.19 -13.24
C PRO B 69 -4.35 -12.68 -13.71
N VAL B 70 -4.64 -11.44 -13.36
CA VAL B 70 -5.90 -10.86 -13.74
C VAL B 70 -5.73 -10.31 -15.16
N THR B 71 -6.62 -10.68 -16.05
CA THR B 71 -6.51 -10.20 -17.44
C THR B 71 -7.84 -9.65 -17.90
N SER B 72 -7.90 -9.26 -19.17
CA SER B 72 -9.17 -8.85 -19.80
C SER B 72 -10.12 -10.02 -19.87
N SER B 73 -9.63 -11.25 -19.72
CA SER B 73 -10.55 -12.39 -19.64
C SER B 73 -10.00 -13.50 -18.73
N THR B 74 -10.27 -13.34 -17.44
CA THR B 74 -9.66 -14.15 -16.40
C THR B 74 -10.47 -15.41 -16.12
N PRO B 75 -9.90 -16.59 -16.40
CA PRO B 75 -10.63 -17.80 -16.07
C PRO B 75 -10.78 -18.01 -14.55
N ALA B 76 -11.93 -18.51 -14.16
CA ALA B 76 -12.24 -18.65 -12.73
C ALA B 76 -13.29 -19.71 -12.57
N LYS B 77 -13.46 -20.13 -11.34
CA LYS B 77 -14.65 -20.89 -10.91
C LYS B 77 -15.59 -20.02 -10.09
N LEU B 78 -16.87 -20.11 -10.43
CA LEU B 78 -17.91 -19.44 -9.74
C LEU B 78 -18.51 -20.38 -8.75
N THR B 79 -18.54 -19.96 -7.49
CA THR B 79 -19.24 -20.63 -6.44
C THR B 79 -20.33 -19.69 -5.88
N ASN B 80 -21.13 -20.19 -4.96
CA ASN B 80 -22.24 -19.44 -4.40
C ASN B 80 -22.01 -19.14 -2.95
N ASN B 81 -22.31 -17.92 -2.54
CA ASN B 81 -22.13 -17.50 -1.16
C ASN B 81 -23.33 -16.66 -0.65
N ASP B 82 -23.65 -16.84 0.64
CA ASP B 82 -24.62 -16.05 1.41
C ASP B 82 -23.91 -14.92 2.16
N PHE B 83 -24.17 -13.70 1.71
CA PHE B 83 -23.61 -12.46 2.21
C PHE B 83 -24.47 -11.75 3.30
N SER B 84 -25.63 -12.34 3.56
CA SER B 84 -26.63 -11.75 4.45
C SER B 84 -26.30 -11.99 5.91
N GLU B 85 -26.97 -11.24 6.76
CA GLU B 85 -26.85 -11.39 8.21
C GLU B 85 -27.35 -12.74 8.72
N GLY B 86 -28.28 -13.36 8.00
CA GLY B 86 -28.76 -14.69 8.32
C GLY B 86 -27.76 -15.85 8.20
N GLY B 87 -26.71 -15.60 7.42
CA GLY B 87 -25.97 -16.64 6.72
C GLY B 87 -24.76 -17.35 7.30
N ASP B 88 -24.10 -18.02 6.35
CA ASP B 88 -22.97 -18.91 6.57
C ASP B 88 -21.67 -18.20 6.86
N ASP B 89 -21.39 -17.07 6.19
CA ASP B 89 -20.12 -16.36 6.36
C ASP B 89 -19.87 -16.07 7.84
N GLY B 90 -18.60 -16.02 8.21
CA GLY B 90 -18.18 -15.47 9.49
C GLY B 90 -18.20 -13.94 9.43
N GLY B 91 -19.37 -13.36 9.63
CA GLY B 91 -19.41 -11.92 9.81
C GLY B 91 -19.45 -11.10 8.52
N PRO B 92 -19.51 -9.77 8.68
CA PRO B 92 -19.68 -8.79 7.64
C PRO B 92 -18.61 -8.89 6.53
N SER B 93 -19.00 -8.49 5.34
CA SER B 93 -18.04 -8.44 4.22
C SER B 93 -16.84 -7.49 4.50
N GLU B 94 -15.66 -7.91 4.09
CA GLU B 94 -14.39 -7.20 4.36
C GLU B 94 -14.37 -5.76 3.81
N CYS B 95 -14.90 -5.53 2.63
CA CYS B 95 -14.68 -4.25 1.97
C CYS B 95 -15.33 -3.11 2.74
N ASP B 96 -16.55 -3.33 3.22
CA ASP B 96 -17.30 -2.23 3.80
C ASP B 96 -17.86 -2.54 5.18
N GLU B 97 -17.37 -3.63 5.80
CA GLU B 97 -17.85 -4.08 7.10
C GLU B 97 -19.36 -4.06 7.13
N SER B 98 -20.00 -4.60 6.11
CA SER B 98 -21.43 -4.81 6.25
C SER B 98 -21.92 -6.05 5.62
N TYR B 99 -23.14 -6.40 5.98
CA TYR B 99 -23.82 -7.49 5.35
C TYR B 99 -24.55 -6.98 4.14
N HIS B 100 -24.89 -7.90 3.28
CA HIS B 100 -25.56 -7.62 2.07
C HIS B 100 -26.64 -8.63 1.81
N ASN B 101 -27.61 -8.17 1.07
CA ASN B 101 -28.69 -8.99 0.56
C ASN B 101 -28.22 -9.84 -0.61
N ASN B 102 -28.70 -11.07 -0.69
CA ASN B 102 -28.34 -11.92 -1.78
C ASN B 102 -29.06 -11.66 -3.12
N ASN B 103 -30.01 -10.72 -3.14
CA ASN B 103 -30.45 -10.02 -4.37
C ASN B 103 -29.55 -8.95 -4.90
N GLU B 104 -28.54 -8.57 -4.15
CA GLU B 104 -27.56 -7.68 -4.70
C GLU B 104 -26.64 -8.53 -5.55
N ARG B 105 -26.20 -7.94 -6.65
CA ARG B 105 -25.19 -8.56 -7.51
C ARG B 105 -23.81 -8.23 -6.95
N ILE B 106 -23.29 -9.17 -6.17
CA ILE B 106 -22.07 -8.96 -5.37
C ILE B 106 -21.24 -10.21 -5.38
N VAL B 107 -19.93 -10.02 -5.27
CA VAL B 107 -19.05 -11.13 -5.17
C VAL B 107 -17.96 -10.94 -4.09
N ALA B 108 -17.41 -12.09 -3.67
CA ALA B 108 -16.13 -12.20 -3.01
C ALA B 108 -15.07 -12.80 -4.01
N LEU B 109 -13.81 -12.46 -3.82
CA LEU B 109 -12.70 -12.92 -4.69
C LEU B 109 -11.66 -13.63 -3.82
N SER B 110 -11.02 -14.69 -4.37
CA SER B 110 -9.90 -15.38 -3.70
C SER B 110 -8.91 -14.34 -3.31
N THR B 111 -8.26 -14.60 -2.18
CA THR B 111 -7.24 -13.74 -1.53
C THR B 111 -6.32 -12.99 -2.49
N GLY B 112 -5.73 -13.70 -3.45
CA GLY B 112 -4.84 -13.04 -4.42
C GLY B 112 -5.50 -11.96 -5.28
N TRP B 113 -6.64 -12.29 -5.88
CA TRP B 113 -7.45 -11.32 -6.60
C TRP B 113 -8.01 -10.20 -5.70
N TYR B 114 -8.41 -10.56 -4.47
CA TYR B 114 -8.87 -9.59 -3.48
C TYR B 114 -7.76 -8.53 -3.27
N ASN B 115 -6.50 -8.98 -3.30
CA ASN B 115 -5.35 -8.07 -3.35
C ASN B 115 -5.41 -6.96 -2.28
N GLY B 116 -5.60 -7.40 -1.05
CA GLY B 116 -5.59 -6.53 0.10
C GLY B 116 -6.59 -5.38 0.07
N GLY B 117 -7.63 -5.52 -0.76
CA GLY B 117 -8.76 -4.64 -0.80
C GLY B 117 -8.76 -3.75 -2.01
N SER B 118 -7.81 -3.93 -2.90
CA SER B 118 -7.64 -2.98 -4.02
C SER B 118 -8.78 -2.97 -5.03
N ARG B 119 -9.60 -4.00 -5.03
CA ARG B 119 -10.74 -4.03 -5.93
C ARG B 119 -12.09 -3.81 -5.21
N CYS B 120 -12.06 -3.55 -3.90
CA CYS B 120 -13.31 -3.25 -3.18
C CYS B 120 -14.12 -2.18 -3.82
N GLY B 121 -15.43 -2.42 -3.90
CA GLY B 121 -16.35 -1.43 -4.46
C GLY B 121 -16.34 -1.33 -5.97
N LYS B 122 -15.48 -2.07 -6.64
CA LYS B 122 -15.40 -2.08 -8.09
C LYS B 122 -16.32 -3.12 -8.66
N MET B 123 -16.72 -2.87 -9.91
CA MET B 123 -17.52 -3.76 -10.69
C MET B 123 -16.59 -4.62 -11.50
N ILE B 124 -16.95 -5.89 -11.54
CA ILE B 124 -16.43 -6.81 -12.52
C ILE B 124 -17.53 -7.30 -13.41
N ARG B 125 -17.14 -7.85 -14.56
CA ARG B 125 -18.01 -8.39 -15.53
C ARG B 125 -17.69 -9.88 -15.66
N ILE B 126 -18.68 -10.69 -15.41
CA ILE B 126 -18.52 -12.11 -15.43
C ILE B 126 -19.26 -12.64 -16.65
N THR B 127 -18.65 -13.57 -17.37
CA THR B 127 -19.27 -14.22 -18.49
C THR B 127 -19.40 -15.74 -18.21
N ALA B 128 -20.59 -16.29 -18.39
CA ALA B 128 -20.84 -17.74 -18.25
C ALA B 128 -20.66 -18.51 -19.58
N SER B 129 -20.75 -19.83 -19.49
CA SER B 129 -20.52 -20.69 -20.63
C SER B 129 -21.67 -20.61 -21.67
N ASN B 130 -22.87 -20.25 -21.22
CA ASN B 130 -24.02 -19.97 -22.09
C ASN B 130 -24.00 -18.61 -22.73
N GLY B 131 -22.93 -17.84 -22.48
CA GLY B 131 -22.77 -16.49 -23.07
C GLY B 131 -23.44 -15.34 -22.35
N LYS B 132 -24.18 -15.65 -21.30
CA LYS B 132 -24.74 -14.59 -20.44
C LYS B 132 -23.60 -13.87 -19.71
N SER B 133 -23.79 -12.60 -19.40
CA SER B 133 -22.86 -11.85 -18.59
C SER B 133 -23.59 -10.99 -17.60
N VAL B 134 -22.93 -10.68 -16.51
CA VAL B 134 -23.49 -9.92 -15.42
C VAL B 134 -22.35 -9.06 -14.88
N SER B 135 -22.72 -7.89 -14.43
CA SER B 135 -21.89 -7.06 -13.62
C SER B 135 -22.13 -7.25 -12.13
N ALA B 136 -21.05 -7.32 -11.37
CA ALA B 136 -21.18 -7.55 -9.91
C ALA B 136 -20.14 -6.77 -9.19
N LYS B 137 -20.51 -6.29 -8.01
CA LYS B 137 -19.61 -5.47 -7.17
C LYS B 137 -18.78 -6.30 -6.25
N VAL B 138 -17.48 -6.04 -6.23
CA VAL B 138 -16.61 -6.70 -5.26
C VAL B 138 -16.89 -6.20 -3.82
N VAL B 139 -17.24 -7.11 -2.90
CA VAL B 139 -17.51 -6.69 -1.47
C VAL B 139 -16.74 -7.44 -0.43
N ASP B 140 -16.06 -8.53 -0.81
CA ASP B 140 -15.51 -9.48 0.19
C ASP B 140 -14.37 -10.33 -0.36
N GLU B 141 -13.63 -10.92 0.56
CA GLU B 141 -12.53 -11.81 0.27
C GLU B 141 -12.98 -13.25 0.51
N CYS B 142 -12.58 -14.13 -0.39
CA CYS B 142 -12.71 -15.59 -0.22
C CYS B 142 -11.29 -16.04 0.20
N ASP B 143 -11.16 -16.38 1.49
CA ASP B 143 -9.86 -16.47 2.15
C ASP B 143 -9.19 -17.78 1.85
N SER B 144 -8.10 -17.76 1.09
CA SER B 144 -7.42 -19.00 0.73
C SER B 144 -6.22 -19.28 1.67
N ARG B 145 -6.05 -18.47 2.71
CA ARG B 145 -4.97 -18.61 3.69
C ARG B 145 -5.42 -19.37 4.92
N HIS B 146 -6.70 -19.25 5.21
CA HIS B 146 -7.17 -19.73 6.50
C HIS B 146 -8.40 -20.60 6.26
N GLY B 147 -8.65 -21.46 7.24
CA GLY B 147 -9.84 -22.32 7.26
C GLY B 147 -9.63 -23.52 8.17
N CYS B 148 -10.56 -24.45 8.06
CA CYS B 148 -10.50 -25.75 8.74
C CYS B 148 -10.61 -25.71 10.29
N ASP B 149 -11.08 -24.59 10.85
CA ASP B 149 -11.13 -24.39 12.30
C ASP B 149 -12.51 -23.96 12.83
N LYS B 150 -12.62 -23.88 14.16
CA LYS B 150 -13.81 -23.34 14.85
C LYS B 150 -14.36 -22.06 14.19
N GLU B 151 -13.49 -21.05 14.07
CA GLU B 151 -13.85 -19.69 13.60
C GLU B 151 -14.33 -19.59 12.14
N HIS B 152 -13.95 -20.56 11.30
CA HIS B 152 -14.41 -20.66 9.88
C HIS B 152 -15.44 -21.80 9.67
N ALA B 153 -15.94 -22.38 10.77
CA ALA B 153 -16.94 -23.48 10.72
C ALA B 153 -16.40 -24.83 10.19
N GLY B 154 -15.10 -25.04 10.31
CA GLY B 154 -14.47 -26.26 9.79
C GLY B 154 -14.48 -26.42 8.26
N GLN B 155 -14.76 -25.33 7.55
CA GLN B 155 -14.74 -25.34 6.07
C GLN B 155 -13.31 -25.13 5.55
N PRO B 156 -12.89 -25.84 4.48
CA PRO B 156 -11.55 -25.65 3.91
C PRO B 156 -11.26 -24.24 3.47
N PRO B 157 -9.98 -23.91 3.37
CA PRO B 157 -9.72 -22.60 2.81
C PRO B 157 -10.28 -22.49 1.38
N CYS B 158 -10.62 -21.27 0.97
CA CYS B 158 -11.06 -21.03 -0.40
CA CYS B 158 -11.05 -21.02 -0.41
C CYS B 158 -9.93 -21.43 -1.35
N ARG B 159 -10.31 -21.86 -2.54
CA ARG B 159 -9.34 -22.02 -3.64
C ARG B 159 -8.84 -20.65 -4.08
N ASN B 160 -7.88 -20.65 -4.99
CA ASN B 160 -7.17 -19.46 -5.39
C ASN B 160 -7.69 -18.74 -6.61
N ASN B 161 -8.66 -19.35 -7.27
CA ASN B 161 -9.21 -18.87 -8.54
C ASN B 161 -10.74 -18.78 -8.49
N ILE B 162 -11.27 -18.28 -7.38
CA ILE B 162 -12.70 -18.25 -7.12
C ILE B 162 -13.25 -16.84 -7.17
N VAL B 163 -14.40 -16.73 -7.86
CA VAL B 163 -15.35 -15.64 -7.74
C VAL B 163 -16.53 -16.29 -6.98
N ASP B 164 -16.79 -15.79 -5.79
CA ASP B 164 -17.86 -16.37 -4.94
C ASP B 164 -19.08 -15.40 -5.06
N GLY B 165 -20.09 -15.80 -5.82
CA GLY B 165 -21.21 -14.97 -6.15
C GLY B 165 -22.48 -15.16 -5.40
N SER B 166 -23.24 -14.06 -5.22
CA SER B 166 -24.57 -14.12 -4.65
C SER B 166 -25.55 -14.89 -5.56
N ASN B 167 -26.68 -15.24 -4.97
CA ASN B 167 -27.84 -15.78 -5.69
C ASN B 167 -28.18 -14.96 -6.91
N ALA B 168 -28.19 -13.64 -6.77
CA ALA B 168 -28.50 -12.74 -7.91
C ALA B 168 -27.53 -12.86 -9.10
N VAL B 169 -26.25 -13.12 -8.83
CA VAL B 169 -25.25 -13.32 -9.85
C VAL B 169 -25.50 -14.59 -10.65
N TRP B 170 -25.81 -15.68 -9.95
CA TRP B 170 -26.16 -16.98 -10.58
C TRP B 170 -27.41 -16.88 -11.45
N SER B 171 -28.43 -16.24 -10.93
CA SER B 171 -29.68 -16.00 -11.66
C SER B 171 -29.50 -15.14 -12.90
N ALA B 172 -28.80 -14.02 -12.73
CA ALA B 172 -28.50 -13.15 -13.90
C ALA B 172 -27.82 -13.93 -15.05
N LEU B 173 -27.11 -14.97 -14.68
CA LEU B 173 -26.34 -15.75 -15.60
C LEU B 173 -27.10 -16.98 -16.12
N GLY B 174 -28.31 -17.18 -15.66
CA GLY B 174 -29.11 -18.32 -16.08
C GLY B 174 -28.57 -19.63 -15.55
N LEU B 175 -27.89 -19.58 -14.42
CA LEU B 175 -27.26 -20.79 -13.91
C LEU B 175 -27.97 -21.27 -12.70
N ASP B 176 -27.91 -22.57 -12.52
CA ASP B 176 -28.42 -23.24 -11.30
C ASP B 176 -27.34 -23.38 -10.23
N LYS B 177 -27.56 -22.76 -9.08
CA LYS B 177 -26.56 -22.74 -8.01
C LYS B 177 -26.38 -24.10 -7.36
N ASN B 178 -27.32 -25.01 -7.60
CA ASN B 178 -27.20 -26.39 -7.08
C ASN B 178 -26.14 -27.28 -7.74
N VAL B 179 -25.66 -26.91 -8.93
CA VAL B 179 -24.47 -27.57 -9.50
C VAL B 179 -23.20 -27.17 -8.70
N GLY B 180 -23.31 -26.12 -7.89
CA GLY B 180 -22.26 -25.77 -6.91
C GLY B 180 -21.11 -24.89 -7.44
N VAL B 181 -20.59 -25.27 -8.61
CA VAL B 181 -19.44 -24.64 -9.22
C VAL B 181 -19.44 -24.78 -10.72
N VAL B 182 -19.13 -23.68 -11.39
CA VAL B 182 -19.10 -23.60 -12.82
C VAL B 182 -17.90 -22.78 -13.26
N ASP B 183 -17.49 -23.01 -14.51
CA ASP B 183 -16.45 -22.23 -15.14
C ASP B 183 -16.95 -20.93 -15.72
N ILE B 184 -16.18 -19.88 -15.51
CA ILE B 184 -16.51 -18.55 -16.01
C ILE B 184 -15.24 -17.86 -16.36
N THR B 185 -15.35 -16.69 -16.99
CA THR B 185 -14.27 -15.76 -17.06
C THR B 185 -14.73 -14.40 -16.59
N TRP B 186 -13.79 -13.59 -16.15
CA TRP B 186 -14.12 -12.26 -15.70
C TRP B 186 -13.09 -11.21 -16.00
N SER B 187 -13.52 -9.95 -15.92
CA SER B 187 -12.61 -8.82 -16.04
C SER B 187 -13.15 -7.69 -15.23
N MET B 188 -12.32 -6.72 -14.94
CA MET B 188 -12.80 -5.45 -14.45
C MET B 188 -13.81 -4.85 -15.48
N ALA B 189 -14.87 -4.28 -14.93
CA ALA B 189 -15.78 -3.44 -15.65
C ALA B 189 -15.58 -2.06 -15.00
#